data_4H81
#
_entry.id   4H81
#
_cell.length_a   128.295
_cell.length_b   128.295
_cell.length_c   73.961
_cell.angle_alpha   90.00
_cell.angle_beta   90.00
_cell.angle_gamma   90.00
#
_symmetry.space_group_name_H-M   'P 42 21 2'
#
loop_
_entity.id
_entity.type
_entity.pdbx_description
1 polymer '[3-methyl-2-oxobutanoate dehydrogenase [lipoamide]] kinase, mitochondrial'
2 non-polymer "ADENOSINE-5'-DIPHOSPHATE"
3 non-polymer 'MAGNESIUM ION'
4 non-polymer 'POTASSIUM ION'
5 non-polymer '(2R)-2-chloro-3-phenylpropanoic acid'
6 water water
#
_entity_poly.entity_id   1
_entity_poly.type   'polypeptide(L)'
_entity_poly.pdbx_seq_one_letter_code
;MILTSVLGSGPRSGSSLWPLLGSSLSLRVRSTSATDTHHVELARERSKTVTSFYNQSAIDVVAEKPSVRLTPTMMLYSGR
SQDGSHLLKSGRYLQQELPVRIAHRIKGFRSLPFIIGCNPTILHVHELYIRAFQKLTDFPPIKDQADEAQYCQLVRQLLD
DHKDVVTLLAEGLRESRKHIEDEKLVRYFLDKTLTSRLGIRMLATHHLALHEDKPDFVGIICTRLSPKKIIEKWVDFARR
LCEHKYGNAPRVRINGHVAARFPFIPMPLDYILPELLKNAMRATMESHLDTPYNVPDVVITIANNDVDLIIRISDRGGGI
AHKDLDRVMDYHFTTAEASTQDPRISPLFGHLDMHSGGQSGPMHGFGFGLPTSRAYAEYLGGSLQLQSLQGIGTDVYLRL
RHIDGREESFRIHHHHHH
;
_entity_poly.pdbx_strand_id   A
#
# COMPACT_ATOMS: atom_id res chain seq x y z
N THR A 73 -10.24 9.46 11.50
CA THR A 73 -9.43 10.67 11.54
C THR A 73 -9.37 11.35 10.17
N MET A 74 -9.42 10.54 9.11
CA MET A 74 -9.36 11.03 7.74
C MET A 74 -10.69 10.76 7.03
N MET A 75 -11.31 11.82 6.50
CA MET A 75 -12.63 11.71 5.89
C MET A 75 -12.58 11.70 4.36
N LEU A 76 -13.13 10.65 3.76
CA LEU A 76 -13.31 10.61 2.32
C LEU A 76 -14.73 11.03 1.96
N TYR A 77 -14.89 12.30 1.58
CA TYR A 77 -16.21 12.87 1.29
C TYR A 77 -16.89 12.19 0.12
N SER A 78 -18.10 11.70 0.35
CA SER A 78 -18.85 10.96 -0.65
C SER A 78 -19.96 11.81 -1.28
N GLY A 79 -20.15 13.00 -0.74
CA GLY A 79 -21.19 13.88 -1.23
C GLY A 79 -20.95 14.36 -2.65
N ARG A 80 -22.04 14.48 -3.41
CA ARG A 80 -21.99 15.09 -4.74
C ARG A 80 -23.00 16.24 -4.78
N SER A 81 -22.84 17.14 -5.75
CA SER A 81 -23.73 18.29 -5.87
C SER A 81 -23.68 18.95 -7.24
N GLN A 82 -24.82 19.50 -7.65
CA GLN A 82 -24.99 20.08 -8.99
C GLN A 82 -24.02 21.22 -9.30
N ASP A 83 -23.99 22.24 -8.45
CA ASP A 83 -23.20 23.44 -8.70
C ASP A 83 -21.70 23.22 -8.54
N GLY A 84 -21.32 22.05 -8.02
CA GLY A 84 -19.92 21.75 -7.78
C GLY A 84 -19.46 22.29 -6.45
N SER A 85 -20.40 22.47 -5.54
CA SER A 85 -20.12 23.00 -4.21
C SER A 85 -19.34 22.00 -3.36
N HIS A 86 -19.59 20.71 -3.59
CA HIS A 86 -18.93 19.66 -2.84
C HIS A 86 -17.43 19.58 -3.15
N LEU A 87 -17.06 20.02 -4.35
CA LEU A 87 -15.66 20.10 -4.72
C LEU A 87 -14.96 21.16 -3.87
N LEU A 88 -15.66 22.27 -3.64
CA LEU A 88 -15.13 23.34 -2.80
C LEU A 88 -14.92 22.90 -1.35
N LYS A 89 -15.92 22.23 -0.77
CA LYS A 89 -15.81 21.80 0.61
C LYS A 89 -14.67 20.80 0.73
N SER A 90 -14.62 19.86 -0.21
CA SER A 90 -13.56 18.87 -0.24
C SER A 90 -12.17 19.53 -0.33
N GLY A 91 -12.02 20.45 -1.27
CA GLY A 91 -10.75 21.14 -1.45
C GLY A 91 -10.33 21.89 -0.20
N ARG A 92 -11.27 22.63 0.37
CA ARG A 92 -11.01 23.34 1.62
C ARG A 92 -10.64 22.39 2.76
N TYR A 93 -11.21 21.19 2.75
CA TYR A 93 -10.87 20.22 3.78
C TYR A 93 -9.42 19.74 3.62
N LEU A 94 -9.04 19.43 2.38
CA LEU A 94 -7.67 19.05 2.05
C LEU A 94 -6.70 20.13 2.49
N GLN A 95 -7.03 21.37 2.15
CA GLN A 95 -6.17 22.49 2.44
C GLN A 95 -5.90 22.63 3.94
N GLN A 96 -6.88 22.28 4.77
CA GLN A 96 -6.68 22.35 6.21
C GLN A 96 -5.88 21.13 6.69
N GLU A 97 -6.12 20.01 6.05
CA GLU A 97 -5.66 18.72 6.55
C GLU A 97 -4.25 18.37 6.11
N LEU A 98 -3.91 18.67 4.85
CA LEU A 98 -2.64 18.19 4.29
C LEU A 98 -1.40 18.79 4.97
N PRO A 99 -1.37 20.11 5.20
CA PRO A 99 -0.19 20.72 5.85
C PRO A 99 0.07 20.12 7.24
N VAL A 100 -1.00 19.88 8.00
CA VAL A 100 -0.87 19.26 9.31
C VAL A 100 -0.26 17.87 9.24
N ARG A 101 -0.74 17.04 8.31
CA ARG A 101 -0.25 15.68 8.18
C ARG A 101 1.20 15.65 7.70
N ILE A 102 1.52 16.56 6.79
CA ILE A 102 2.88 16.66 6.31
C ILE A 102 3.81 17.12 7.44
N ALA A 103 3.36 18.08 8.25
CA ALA A 103 4.18 18.51 9.40
C ALA A 103 4.49 17.34 10.34
N HIS A 104 3.55 16.43 10.52
CA HIS A 104 3.81 15.25 11.33
C HIS A 104 4.89 14.39 10.71
N ARG A 105 4.90 14.28 9.38
CA ARG A 105 5.94 13.48 8.75
C ARG A 105 7.30 14.16 8.97
N ILE A 106 7.33 15.48 8.87
CA ILE A 106 8.57 16.23 9.08
C ILE A 106 9.09 16.00 10.50
N LYS A 107 8.20 15.98 11.49
CA LYS A 107 8.62 15.75 12.86
C LYS A 107 9.25 14.34 13.02
N GLY A 108 8.70 13.37 12.32
CA GLY A 108 9.29 12.03 12.27
C GLY A 108 10.73 12.02 11.76
N PHE A 109 11.02 12.76 10.70
CA PHE A 109 12.40 12.88 10.22
C PHE A 109 13.29 13.59 11.23
N ARG A 110 12.76 14.63 11.86
CA ARG A 110 13.51 15.38 12.87
C ARG A 110 13.93 14.54 14.05
N SER A 111 13.16 13.51 14.34
CA SER A 111 13.41 12.67 15.51
C SER A 111 14.19 11.40 15.17
N LEU A 112 14.46 11.18 13.88
CA LEU A 112 15.32 10.06 13.49
C LEU A 112 16.66 10.19 14.16
N PRO A 113 17.26 9.05 14.56
CA PRO A 113 18.63 9.09 15.07
C PRO A 113 19.51 9.86 14.10
N PHE A 114 20.35 10.70 14.67
CA PHE A 114 21.21 11.60 13.92
C PHE A 114 21.93 10.92 12.75
N ILE A 115 22.57 9.79 13.04
CA ILE A 115 23.39 9.10 12.05
C ILE A 115 22.52 8.67 10.84
N ILE A 116 21.28 8.30 11.09
CA ILE A 116 20.36 7.93 10.02
C ILE A 116 19.83 9.16 9.28
N GLY A 117 19.43 10.18 10.03
CA GLY A 117 18.96 11.42 9.45
C GLY A 117 19.98 12.10 8.55
N CYS A 118 21.27 11.85 8.80
CA CYS A 118 22.34 12.41 7.99
C CYS A 118 22.61 11.68 6.66
N ASN A 119 22.01 10.50 6.47
CA ASN A 119 22.13 9.78 5.20
C ASN A 119 21.61 10.65 4.05
N PRO A 120 22.41 10.81 2.98
CA PRO A 120 21.97 11.76 1.94
C PRO A 120 20.62 11.46 1.30
N THR A 121 20.25 10.18 1.23
CA THR A 121 18.97 9.84 0.63
C THR A 121 17.84 10.15 1.61
N ILE A 122 18.05 9.84 2.89
CA ILE A 122 17.07 10.23 3.91
C ILE A 122 16.91 11.76 3.93
N LEU A 123 18.02 12.49 3.86
CA LEU A 123 17.96 13.95 3.83
C LEU A 123 17.16 14.44 2.62
N HIS A 124 17.36 13.80 1.48
CA HIS A 124 16.60 14.15 0.28
C HIS A 124 15.10 14.00 0.53
N VAL A 125 14.68 12.89 1.14
CA VAL A 125 13.25 12.68 1.38
C VAL A 125 12.75 13.71 2.41
N HIS A 126 13.55 13.94 3.45
CA HIS A 126 13.23 14.94 4.47
C HIS A 126 12.98 16.30 3.80
N GLU A 127 13.89 16.69 2.92
CA GLU A 127 13.75 17.94 2.17
C GLU A 127 12.52 17.98 1.25
N LEU A 128 12.17 16.86 0.62
CA LEU A 128 10.94 16.79 -0.17
C LEU A 128 9.72 17.14 0.70
N TYR A 129 9.63 16.53 1.87
CA TYR A 129 8.53 16.84 2.78
C TYR A 129 8.50 18.32 3.21
N ILE A 130 9.66 18.88 3.50
CA ILE A 130 9.73 20.29 3.89
C ILE A 130 9.20 21.11 2.72
N ARG A 131 9.67 20.79 1.52
CA ARG A 131 9.25 21.51 0.33
C ARG A 131 7.74 21.36 0.12
N ALA A 132 7.21 20.17 0.34
CA ALA A 132 5.76 19.95 0.25
C ALA A 132 5.03 20.87 1.21
N PHE A 133 5.48 20.91 2.46
CA PHE A 133 4.82 21.72 3.47
C PHE A 133 4.83 23.18 3.07
N GLN A 134 5.95 23.63 2.53
CA GLN A 134 6.09 25.03 2.12
C GLN A 134 5.09 25.40 1.03
N LYS A 135 4.98 24.54 0.02
CA LYS A 135 4.10 24.82 -1.10
C LYS A 135 2.64 24.80 -0.67
N LEU A 136 2.30 23.84 0.17
CA LEU A 136 0.93 23.72 0.65
C LEU A 136 0.54 24.93 1.47
N THR A 137 1.46 25.40 2.30
CA THR A 137 1.16 26.53 3.17
C THR A 137 1.21 27.84 2.41
N ASP A 138 2.05 27.90 1.39
CA ASP A 138 2.12 29.07 0.50
C ASP A 138 0.84 29.27 -0.32
N PHE A 139 0.02 28.23 -0.44
CA PHE A 139 -1.17 28.32 -1.26
C PHE A 139 -2.29 29.05 -0.54
N PRO A 140 -2.85 30.09 -1.17
CA PRO A 140 -3.88 30.90 -0.52
C PRO A 140 -5.15 30.11 -0.27
N PRO A 141 -5.96 30.56 0.69
CA PRO A 141 -7.22 29.89 1.03
C PRO A 141 -8.09 29.78 -0.22
N ILE A 142 -8.74 28.63 -0.41
CA ILE A 142 -9.60 28.42 -1.57
C ILE A 142 -10.92 29.18 -1.40
N LYS A 143 -11.20 30.09 -2.34
CA LYS A 143 -12.42 30.89 -2.26
C LYS A 143 -13.42 30.62 -3.38
N ASP A 144 -12.99 29.95 -4.45
CA ASP A 144 -13.86 29.68 -5.60
C ASP A 144 -13.33 28.52 -6.42
N GLN A 145 -14.09 28.11 -7.44
CA GLN A 145 -13.72 26.95 -8.25
C GLN A 145 -12.39 27.14 -8.97
N ALA A 146 -12.09 28.38 -9.35
CA ALA A 146 -10.84 28.70 -10.02
C ALA A 146 -9.66 28.35 -9.12
N ASP A 147 -9.75 28.75 -7.86
CA ASP A 147 -8.72 28.39 -6.89
C ASP A 147 -8.61 26.88 -6.68
N GLU A 148 -9.74 26.23 -6.46
CA GLU A 148 -9.76 24.79 -6.23
C GLU A 148 -9.07 24.09 -7.39
N ALA A 149 -9.34 24.54 -8.61
CA ALA A 149 -8.71 23.98 -9.80
C ALA A 149 -7.17 24.06 -9.71
N GLN A 150 -6.64 25.20 -9.29
CA GLN A 150 -5.19 25.36 -9.22
C GLN A 150 -4.61 24.53 -8.10
N TYR A 151 -5.33 24.44 -6.99
CA TYR A 151 -4.93 23.57 -5.89
C TYR A 151 -4.77 22.12 -6.34
N CYS A 152 -5.67 21.65 -7.20
CA CYS A 152 -5.58 20.27 -7.72
C CYS A 152 -4.28 20.09 -8.49
N GLN A 153 -3.87 21.11 -9.23
CA GLN A 153 -2.60 21.06 -9.95
C GLN A 153 -1.43 20.87 -8.98
N LEU A 154 -1.44 21.61 -7.87
CA LEU A 154 -0.41 21.46 -6.85
C LEU A 154 -0.42 20.05 -6.27
N VAL A 155 -1.61 19.58 -5.91
CA VAL A 155 -1.73 18.23 -5.35
C VAL A 155 -1.24 17.14 -6.31
N ARG A 156 -1.55 17.27 -7.59
CA ARG A 156 -1.06 16.34 -8.61
CA ARG A 156 -1.06 16.33 -8.59
C ARG A 156 0.46 16.35 -8.66
N GLN A 157 1.03 17.56 -8.67
CA GLN A 157 2.48 17.75 -8.67
C GLN A 157 3.12 17.03 -7.49
N LEU A 158 2.62 17.30 -6.29
CA LEU A 158 3.18 16.68 -5.08
C LEU A 158 3.06 15.15 -5.11
N LEU A 159 1.88 14.65 -5.51
CA LEU A 159 1.72 13.19 -5.62
C LEU A 159 2.80 12.59 -6.50
N ASP A 160 3.02 13.20 -7.66
CA ASP A 160 4.07 12.75 -8.57
C ASP A 160 5.50 12.89 -7.99
N ASP A 161 5.78 14.05 -7.40
CA ASP A 161 7.12 14.30 -6.84
C ASP A 161 7.49 13.27 -5.77
N HIS A 162 6.49 12.76 -5.07
CA HIS A 162 6.70 11.84 -3.96
C HIS A 162 6.47 10.37 -4.31
N LYS A 163 6.36 10.06 -5.59
CA LYS A 163 5.94 8.71 -5.97
C LYS A 163 6.97 7.62 -5.64
N ASP A 164 8.24 8.00 -5.58
CA ASP A 164 9.30 7.04 -5.31
C ASP A 164 9.78 7.06 -3.85
N VAL A 165 9.00 7.69 -2.97
CA VAL A 165 9.42 7.87 -1.59
C VAL A 165 9.68 6.54 -0.85
N VAL A 166 8.81 5.55 -1.03
CA VAL A 166 9.02 4.25 -0.36
C VAL A 166 10.39 3.66 -0.74
N THR A 167 10.73 3.75 -2.02
CA THR A 167 11.98 3.19 -2.50
C THR A 167 13.21 3.96 -1.97
N LEU A 168 13.09 5.27 -1.89
CA LEU A 168 14.18 6.10 -1.36
C LEU A 168 14.39 5.81 0.14
N LEU A 169 13.31 5.67 0.90
CA LEU A 169 13.43 5.35 2.31
C LEU A 169 14.12 3.99 2.48
N ALA A 170 13.67 3.02 1.70
CA ALA A 170 14.23 1.67 1.77
C ALA A 170 15.74 1.72 1.56
N GLU A 171 16.14 2.44 0.51
CA GLU A 171 17.54 2.61 0.18
C GLU A 171 18.30 3.37 1.27
N GLY A 172 17.76 4.51 1.69
CA GLY A 172 18.45 5.35 2.66
C GLY A 172 18.62 4.64 3.99
N LEU A 173 17.68 3.75 4.30
CA LEU A 173 17.68 3.08 5.59
C LEU A 173 18.48 1.80 5.58
N ARG A 174 18.70 1.25 4.38
CA ARG A 174 19.20 -0.12 4.29
C ARG A 174 20.46 -0.31 5.13
N GLU A 175 21.45 0.55 4.90
CA GLU A 175 22.71 0.49 5.64
C GLU A 175 22.68 1.26 6.93
N SER A 176 22.25 2.52 6.86
CA SER A 176 22.26 3.39 8.01
C SER A 176 21.63 2.76 9.26
N ARG A 177 20.55 2.00 9.09
CA ARG A 177 19.87 1.43 10.24
C ARG A 177 20.72 0.44 11.03
N LYS A 178 21.77 -0.08 10.40
CA LYS A 178 22.62 -1.09 11.02
C LYS A 178 23.49 -0.49 12.12
N HIS A 179 23.62 0.84 12.08
CA HIS A 179 24.38 1.56 13.09
C HIS A 179 23.74 1.44 14.46
N ILE A 180 22.54 2.00 14.59
CA ILE A 180 21.86 2.01 15.89
C ILE A 180 21.42 0.62 16.30
N GLU A 181 21.28 0.40 17.60
CA GLU A 181 21.00 -0.92 18.13
C GLU A 181 19.54 -1.12 18.53
N ASP A 182 18.83 -0.02 18.80
CA ASP A 182 17.39 -0.08 19.02
C ASP A 182 16.70 -0.32 17.69
N GLU A 183 16.51 -1.58 17.33
CA GLU A 183 15.97 -1.94 16.02
C GLU A 183 14.46 -1.75 15.96
N LYS A 184 13.87 -1.48 17.13
CA LYS A 184 12.47 -1.10 17.21
C LYS A 184 12.25 0.25 16.54
N LEU A 185 13.27 1.10 16.54
CA LEU A 185 13.12 2.48 16.11
C LEU A 185 12.76 2.63 14.64
N VAL A 186 13.49 1.93 13.78
CA VAL A 186 13.26 2.02 12.35
C VAL A 186 11.92 1.42 11.96
N ARG A 187 11.59 0.28 12.55
CA ARG A 187 10.28 -0.34 12.31
C ARG A 187 9.17 0.66 12.62
N TYR A 188 9.25 1.31 13.78
CA TYR A 188 8.24 2.27 14.18
C TYR A 188 8.18 3.45 13.21
N PHE A 189 9.35 4.00 12.87
CA PHE A 189 9.41 5.10 11.90
C PHE A 189 8.80 4.73 10.56
N LEU A 190 9.17 3.57 10.02
CA LEU A 190 8.64 3.15 8.74
C LEU A 190 7.13 2.85 8.79
N ASP A 191 6.69 2.09 9.80
CA ASP A 191 5.27 1.84 9.96
C ASP A 191 4.50 3.18 9.97
N LYS A 192 4.96 4.10 10.80
CA LYS A 192 4.24 5.36 10.98
C LYS A 192 4.28 6.19 9.71
N THR A 193 5.48 6.28 9.12
CA THR A 193 5.67 7.11 7.95
C THR A 193 4.89 6.58 6.73
N LEU A 194 5.00 5.29 6.47
CA LEU A 194 4.37 4.72 5.27
C LEU A 194 2.84 4.68 5.35
N THR A 195 2.31 4.40 6.53
CA THR A 195 0.87 4.37 6.68
C THR A 195 0.26 5.79 6.63
N SER A 196 0.91 6.76 7.29
CA SER A 196 0.46 8.16 7.20
C SER A 196 0.49 8.61 5.75
N ARG A 197 1.55 8.22 5.03
CA ARG A 197 1.67 8.53 3.62
C ARG A 197 0.53 7.90 2.80
N LEU A 198 0.26 6.62 3.03
CA LEU A 198 -0.86 5.97 2.34
C LEU A 198 -2.13 6.79 2.57
N GLY A 199 -2.38 7.15 3.83
CA GLY A 199 -3.56 7.91 4.19
C GLY A 199 -3.62 9.24 3.47
N ILE A 200 -2.48 9.93 3.46
CA ILE A 200 -2.39 11.20 2.74
C ILE A 200 -2.67 11.04 1.24
N ARG A 201 -2.07 10.04 0.62
CA ARG A 201 -2.29 9.86 -0.80
C ARG A 201 -3.72 9.45 -1.09
N MET A 202 -4.34 8.70 -0.18
CA MET A 202 -5.75 8.31 -0.39
C MET A 202 -6.63 9.56 -0.37
N LEU A 203 -6.41 10.42 0.62
CA LEU A 203 -7.19 11.65 0.72
C LEU A 203 -7.06 12.49 -0.54
N ALA A 204 -5.82 12.70 -0.98
CA ALA A 204 -5.54 13.57 -2.10
C ALA A 204 -6.09 12.99 -3.40
N THR A 205 -5.82 11.71 -3.61
CA THR A 205 -6.31 11.02 -4.80
C THR A 205 -7.83 10.98 -4.81
N HIS A 206 -8.44 10.82 -3.64
CA HIS A 206 -9.89 10.86 -3.55
C HIS A 206 -10.44 12.22 -4.01
N HIS A 207 -9.83 13.29 -3.54
CA HIS A 207 -10.31 14.61 -3.93
C HIS A 207 -10.22 14.82 -5.44
N LEU A 208 -9.07 14.47 -6.02
CA LEU A 208 -8.87 14.58 -7.46
C LEU A 208 -9.91 13.76 -8.21
N ALA A 209 -10.22 12.58 -7.69
CA ALA A 209 -11.12 11.66 -8.38
C ALA A 209 -12.57 12.14 -8.34
N LEU A 210 -12.87 13.05 -7.42
CA LEU A 210 -14.20 13.61 -7.36
C LEU A 210 -14.55 14.38 -8.65
N HIS A 211 -13.53 14.81 -9.37
CA HIS A 211 -13.76 15.52 -10.63
C HIS A 211 -14.07 14.55 -11.76
N GLU A 212 -13.74 13.27 -11.56
CA GLU A 212 -13.89 12.29 -12.62
C GLU A 212 -15.34 11.83 -12.78
N ASP A 213 -15.68 11.44 -14.01
CA ASP A 213 -16.97 10.83 -14.28
C ASP A 213 -16.78 9.35 -14.55
N LYS A 214 -16.57 8.59 -13.48
CA LYS A 214 -16.51 7.14 -13.59
C LYS A 214 -17.73 6.54 -12.93
N PRO A 215 -18.41 5.63 -13.65
CA PRO A 215 -19.52 4.89 -13.04
C PRO A 215 -18.98 3.89 -12.01
N ASP A 216 -19.74 3.69 -10.94
CA ASP A 216 -19.35 2.80 -9.86
C ASP A 216 -18.25 3.36 -8.97
N PHE A 217 -17.89 4.63 -9.14
CA PHE A 217 -16.93 5.28 -8.25
C PHE A 217 -17.44 6.59 -7.69
N VAL A 218 -17.24 6.77 -6.39
CA VAL A 218 -17.34 8.11 -5.80
C VAL A 218 -15.93 8.43 -5.32
N GLY A 219 -15.24 9.31 -6.04
CA GLY A 219 -13.82 9.53 -5.77
C GLY A 219 -13.06 8.23 -5.96
N ILE A 220 -12.32 7.79 -4.95
CA ILE A 220 -11.60 6.52 -5.08
C ILE A 220 -12.40 5.36 -4.51
N ILE A 221 -13.63 5.63 -4.09
CA ILE A 221 -14.47 4.59 -3.51
C ILE A 221 -15.25 3.87 -4.60
N CYS A 222 -15.01 2.58 -4.77
CA CYS A 222 -15.84 1.80 -5.68
C CYS A 222 -17.14 1.41 -4.96
N THR A 223 -18.27 1.71 -5.58
CA THR A 223 -19.54 1.47 -4.91
C THR A 223 -19.97 0.00 -5.02
N ARG A 224 -19.30 -0.76 -5.87
CA ARG A 224 -19.61 -2.18 -6.01
C ARG A 224 -18.39 -2.98 -6.47
N LEU A 225 -17.36 -2.98 -5.63
CA LEU A 225 -16.13 -3.70 -5.93
C LEU A 225 -16.32 -5.21 -5.86
N SER A 226 -15.77 -5.90 -6.85
CA SER A 226 -15.71 -7.35 -6.85
C SER A 226 -14.30 -7.79 -6.46
N PRO A 227 -14.17 -8.44 -5.30
CA PRO A 227 -12.88 -8.97 -4.85
C PRO A 227 -12.31 -9.93 -5.91
N LYS A 228 -13.17 -10.75 -6.50
CA LYS A 228 -12.71 -11.70 -7.50
C LYS A 228 -12.03 -10.95 -8.66
N LYS A 229 -12.66 -9.87 -9.14
CA LYS A 229 -12.15 -9.13 -10.29
C LYS A 229 -10.81 -8.46 -10.00
N ILE A 230 -10.69 -7.80 -8.84
CA ILE A 230 -9.46 -7.11 -8.55
C ILE A 230 -8.34 -8.11 -8.26
N ILE A 231 -8.71 -9.24 -7.68
CA ILE A 231 -7.75 -10.33 -7.48
C ILE A 231 -7.23 -10.85 -8.83
N GLU A 232 -8.16 -11.09 -9.77
CA GLU A 232 -7.80 -11.55 -11.11
C GLU A 232 -6.90 -10.55 -11.84
N LYS A 233 -7.19 -9.26 -11.66
CA LYS A 233 -6.34 -8.23 -12.23
C LYS A 233 -4.90 -8.41 -11.76
N TRP A 234 -4.69 -8.57 -10.46
CA TRP A 234 -3.33 -8.68 -9.96
C TRP A 234 -2.69 -10.04 -10.19
N VAL A 235 -3.53 -11.06 -10.28
CA VAL A 235 -3.08 -12.38 -10.68
C VAL A 235 -2.44 -12.33 -12.07
N ASP A 236 -3.15 -11.76 -13.05
CA ASP A 236 -2.60 -11.61 -14.39
C ASP A 236 -1.25 -10.89 -14.37
N PHE A 237 -1.19 -9.78 -13.63
CA PHE A 237 0.04 -9.01 -13.45
C PHE A 237 1.20 -9.83 -12.86
N ALA A 238 0.94 -10.50 -11.72
CA ALA A 238 1.99 -11.29 -11.07
C ALA A 238 2.43 -12.47 -11.93
N ARG A 239 1.48 -13.13 -12.59
CA ARG A 239 1.78 -14.26 -13.46
C ARG A 239 2.69 -13.90 -14.62
N ARG A 240 2.53 -12.70 -15.17
CA ARG A 240 3.38 -12.21 -16.26
C ARG A 240 4.81 -11.94 -15.77
N LEU A 241 4.95 -11.27 -14.63
CA LEU A 241 6.29 -11.12 -14.04
C LEU A 241 6.92 -12.49 -13.82
N CYS A 242 6.17 -13.39 -13.19
CA CYS A 242 6.67 -14.73 -12.89
C CYS A 242 7.07 -15.49 -14.16
N GLU A 243 6.21 -15.49 -15.17
CA GLU A 243 6.52 -16.14 -16.45
C GLU A 243 7.78 -15.56 -17.08
N HIS A 244 7.97 -14.25 -16.93
CA HIS A 244 9.15 -13.62 -17.49
C HIS A 244 10.40 -14.17 -16.83
N LYS A 245 10.38 -14.27 -15.50
CA LYS A 245 11.56 -14.73 -14.77
C LYS A 245 11.80 -16.25 -14.86
N TYR A 246 10.74 -17.05 -14.78
CA TYR A 246 10.91 -18.50 -14.62
C TYR A 246 10.46 -19.34 -15.83
N GLY A 247 9.81 -18.73 -16.79
CA GLY A 247 9.33 -19.46 -17.96
C GLY A 247 7.95 -20.06 -17.79
N ASN A 248 7.39 -19.90 -16.59
CA ASN A 248 6.06 -20.42 -16.27
C ASN A 248 5.58 -19.73 -15.00
N ALA A 249 4.33 -19.95 -14.63
CA ALA A 249 3.78 -19.39 -13.39
C ALA A 249 2.69 -20.31 -12.88
N PRO A 250 2.55 -20.45 -11.55
CA PRO A 250 1.44 -21.25 -11.07
C PRO A 250 0.13 -20.67 -11.60
N ARG A 251 -0.84 -21.53 -11.89
CA ARG A 251 -2.20 -21.07 -12.09
C ARG A 251 -2.78 -20.68 -10.72
N VAL A 252 -3.77 -19.80 -10.74
CA VAL A 252 -4.44 -19.41 -9.51
C VAL A 252 -5.91 -19.80 -9.58
N ARG A 253 -6.38 -20.52 -8.58
CA ARG A 253 -7.82 -20.78 -8.48
C ARG A 253 -8.39 -19.87 -7.41
N ILE A 254 -9.59 -19.37 -7.65
CA ILE A 254 -10.27 -18.52 -6.67
C ILE A 254 -11.58 -19.20 -6.27
N ASN A 255 -11.83 -19.30 -4.97
CA ASN A 255 -13.06 -19.92 -4.49
C ASN A 255 -13.64 -19.15 -3.30
N GLY A 256 -14.70 -19.68 -2.72
CA GLY A 256 -15.42 -18.95 -1.68
C GLY A 256 -16.45 -18.00 -2.25
N HIS A 257 -16.50 -16.77 -1.72
CA HIS A 257 -17.55 -15.82 -2.13
C HIS A 257 -17.18 -15.08 -3.42
N VAL A 258 -17.15 -15.82 -4.51
CA VAL A 258 -16.66 -15.33 -5.79
C VAL A 258 -17.57 -14.29 -6.42
N ALA A 259 -18.84 -14.28 -6.02
CA ALA A 259 -19.80 -13.34 -6.59
C ALA A 259 -20.01 -12.12 -5.70
N ALA A 260 -19.22 -11.99 -4.64
CA ALA A 260 -19.40 -10.87 -3.74
C ALA A 260 -19.19 -9.52 -4.44
N ARG A 261 -20.06 -8.57 -4.15
CA ARG A 261 -19.85 -7.17 -4.53
C ARG A 261 -20.29 -6.21 -3.44
N PHE A 262 -19.45 -5.24 -3.12
CA PHE A 262 -19.72 -4.30 -2.05
C PHE A 262 -18.89 -3.02 -2.20
N PRO A 263 -19.34 -1.94 -1.54
CA PRO A 263 -18.56 -0.70 -1.55
C PRO A 263 -17.20 -0.91 -0.88
N PHE A 264 -16.15 -0.35 -1.47
CA PHE A 264 -14.80 -0.63 -1.01
C PHE A 264 -13.80 0.26 -1.73
N ILE A 265 -12.68 0.54 -1.06
CA ILE A 265 -11.61 1.34 -1.65
C ILE A 265 -10.51 0.43 -2.16
N PRO A 266 -10.33 0.38 -3.50
CA PRO A 266 -9.35 -0.48 -4.18
C PRO A 266 -7.90 -0.23 -3.79
N MET A 267 -7.53 1.03 -3.57
CA MET A 267 -6.12 1.42 -3.50
C MET A 267 -5.26 0.53 -2.58
N PRO A 268 -5.71 0.26 -1.35
CA PRO A 268 -4.88 -0.64 -0.54
C PRO A 268 -4.73 -2.05 -1.11
N LEU A 269 -5.78 -2.59 -1.71
CA LEU A 269 -5.70 -3.90 -2.32
C LEU A 269 -4.69 -3.85 -3.48
N ASP A 270 -4.67 -2.72 -4.17
CA ASP A 270 -3.77 -2.53 -5.31
C ASP A 270 -2.31 -2.56 -4.87
N TYR A 271 -2.01 -2.13 -3.66
CA TYR A 271 -0.65 -2.36 -3.20
C TYR A 271 -0.43 -3.78 -2.67
N ILE A 272 -1.34 -4.23 -1.82
CA ILE A 272 -1.10 -5.46 -1.07
C ILE A 272 -1.17 -6.71 -1.94
N LEU A 273 -2.21 -6.81 -2.78
CA LEU A 273 -2.42 -8.05 -3.52
C LEU A 273 -1.20 -8.45 -4.36
N PRO A 274 -0.65 -7.50 -5.16
CA PRO A 274 0.50 -7.95 -5.97
C PRO A 274 1.69 -8.39 -5.13
N GLU A 275 1.92 -7.77 -3.98
CA GLU A 275 3.02 -8.19 -3.10
C GLU A 275 2.86 -9.64 -2.62
N LEU A 276 1.64 -9.99 -2.20
CA LEU A 276 1.37 -11.34 -1.67
C LEU A 276 1.42 -12.37 -2.80
N LEU A 277 0.93 -11.98 -3.96
CA LEU A 277 0.92 -12.87 -5.11
C LEU A 277 2.34 -13.12 -5.65
N LYS A 278 3.15 -12.07 -5.71
CA LYS A 278 4.54 -12.23 -6.10
C LYS A 278 5.27 -13.19 -5.15
N ASN A 279 5.07 -13.01 -3.84
CA ASN A 279 5.65 -13.90 -2.84
C ASN A 279 5.27 -15.37 -3.05
N ALA A 280 3.98 -15.61 -3.24
CA ALA A 280 3.47 -16.97 -3.40
C ALA A 280 4.03 -17.64 -4.66
N MET A 281 4.08 -16.88 -5.75
CA MET A 281 4.58 -17.39 -7.01
C MET A 281 6.09 -17.66 -6.99
N ARG A 282 6.86 -16.71 -6.48
CA ARG A 282 8.30 -16.90 -6.30
C ARG A 282 8.54 -18.19 -5.49
N ALA A 283 7.87 -18.29 -4.35
CA ALA A 283 8.07 -19.44 -3.46
C ALA A 283 7.75 -20.76 -4.19
N THR A 284 6.67 -20.75 -4.96
CA THR A 284 6.27 -21.93 -5.71
C THR A 284 7.31 -22.31 -6.75
N MET A 285 7.77 -21.34 -7.54
CA MET A 285 8.74 -21.64 -8.58
C MET A 285 10.08 -22.13 -7.99
N GLU A 286 10.56 -21.45 -6.95
CA GLU A 286 11.88 -21.75 -6.36
C GLU A 286 11.91 -23.12 -5.68
N SER A 287 10.73 -23.65 -5.35
CA SER A 287 10.64 -24.96 -4.72
C SER A 287 10.33 -26.05 -5.73
N HIS A 288 10.21 -25.66 -7.00
CA HIS A 288 9.93 -26.63 -8.06
C HIS A 288 10.86 -26.48 -9.25
N LEU A 289 12.14 -26.28 -8.95
CA LEU A 289 13.14 -26.01 -9.98
C LEU A 289 13.30 -27.15 -10.97
N ASP A 290 12.86 -28.34 -10.61
CA ASP A 290 13.00 -29.51 -11.47
C ASP A 290 11.82 -29.69 -12.41
N THR A 291 10.69 -29.07 -12.07
CA THR A 291 9.49 -29.19 -12.89
C THR A 291 8.82 -27.84 -13.10
N PRO A 292 9.56 -26.88 -13.66
CA PRO A 292 9.00 -25.52 -13.81
C PRO A 292 7.74 -25.56 -14.67
N TYR A 293 7.62 -26.61 -15.47
CA TYR A 293 6.52 -26.76 -16.42
C TYR A 293 5.26 -27.31 -15.77
N ASN A 294 5.38 -27.69 -14.49
CA ASN A 294 4.27 -28.32 -13.77
C ASN A 294 4.41 -28.03 -12.28
N VAL A 295 3.80 -26.93 -11.84
CA VAL A 295 3.87 -26.51 -10.45
C VAL A 295 2.48 -26.44 -9.83
N PRO A 296 2.38 -26.58 -8.50
CA PRO A 296 1.08 -26.53 -7.79
C PRO A 296 0.37 -25.17 -7.91
N ASP A 297 -0.95 -25.19 -8.08
CA ASP A 297 -1.73 -23.96 -8.15
C ASP A 297 -1.60 -23.20 -6.85
N VAL A 298 -1.75 -21.88 -6.94
CA VAL A 298 -2.01 -21.06 -5.77
C VAL A 298 -3.52 -20.98 -5.64
N VAL A 299 -4.01 -21.09 -4.42
CA VAL A 299 -5.44 -21.15 -4.21
C VAL A 299 -5.88 -19.99 -3.35
N ILE A 300 -6.81 -19.18 -3.85
CA ILE A 300 -7.23 -18.00 -3.11
C ILE A 300 -8.68 -18.15 -2.70
N THR A 301 -8.95 -17.94 -1.42
CA THR A 301 -10.33 -18.05 -0.94
C THR A 301 -10.81 -16.69 -0.46
N ILE A 302 -11.99 -16.30 -0.94
CA ILE A 302 -12.65 -15.06 -0.51
C ILE A 302 -13.77 -15.35 0.47
N ALA A 303 -13.74 -14.71 1.63
CA ALA A 303 -14.84 -14.77 2.59
C ALA A 303 -15.32 -13.35 2.88
N ASN A 304 -16.60 -13.11 2.60
CA ASN A 304 -17.21 -11.81 2.77
C ASN A 304 -18.30 -11.88 3.84
N ASN A 305 -18.15 -11.16 4.92
CA ASN A 305 -19.19 -11.12 5.94
C ASN A 305 -19.50 -9.66 6.30
N ASP A 306 -20.40 -9.43 7.25
CA ASP A 306 -20.77 -8.06 7.61
C ASP A 306 -19.66 -7.26 8.24
N VAL A 307 -18.64 -7.94 8.76
CA VAL A 307 -17.58 -7.24 9.48
C VAL A 307 -16.37 -6.97 8.62
N ASP A 308 -15.84 -8.01 7.99
CA ASP A 308 -14.64 -7.82 7.18
C ASP A 308 -14.68 -8.65 5.91
N LEU A 309 -13.68 -8.39 5.08
CA LEU A 309 -13.41 -9.14 3.87
C LEU A 309 -12.14 -9.91 4.19
N ILE A 310 -12.15 -11.23 4.01
CA ILE A 310 -10.96 -12.03 4.21
C ILE A 310 -10.51 -12.60 2.87
N ILE A 311 -9.23 -12.44 2.57
CA ILE A 311 -8.66 -13.05 1.37
C ILE A 311 -7.51 -13.95 1.80
N ARG A 312 -7.70 -15.26 1.65
CA ARG A 312 -6.65 -16.23 1.98
C ARG A 312 -5.93 -16.68 0.72
N ILE A 313 -4.61 -16.53 0.72
CA ILE A 313 -3.76 -16.91 -0.41
C ILE A 313 -2.88 -18.06 0.05
N SER A 314 -3.14 -19.26 -0.47
CA SER A 314 -2.49 -20.48 -0.01
C SER A 314 -1.64 -21.04 -1.12
N ASP A 315 -0.37 -21.27 -0.83
CA ASP A 315 0.55 -21.83 -1.82
C ASP A 315 1.13 -23.16 -1.34
N ARG A 316 1.71 -23.91 -2.26
CA ARG A 316 2.46 -25.10 -1.92
C ARG A 316 3.92 -24.84 -2.23
N GLY A 317 4.43 -23.69 -1.80
CA GLY A 317 5.79 -23.30 -2.13
C GLY A 317 6.84 -23.64 -1.07
N GLY A 318 6.51 -24.57 -0.17
CA GLY A 318 7.51 -25.12 0.74
C GLY A 318 7.49 -24.52 2.14
N GLY A 319 6.81 -23.40 2.30
CA GLY A 319 6.67 -22.77 3.61
C GLY A 319 7.75 -21.74 3.90
N ILE A 320 7.56 -21.01 4.99
CA ILE A 320 8.60 -20.10 5.50
C ILE A 320 9.33 -20.83 6.62
N ALA A 321 10.65 -21.02 6.45
CA ALA A 321 11.44 -21.77 7.40
C ALA A 321 11.36 -21.23 8.82
N HIS A 322 11.44 -22.14 9.80
CA HIS A 322 11.49 -21.75 11.20
C HIS A 322 12.58 -20.70 11.46
N LYS A 323 13.76 -20.90 10.88
CA LYS A 323 14.85 -19.94 11.08
C LYS A 323 14.59 -18.55 10.48
N ASP A 324 13.63 -18.46 9.57
CA ASP A 324 13.30 -17.17 8.92
C ASP A 324 12.05 -16.50 9.47
N LEU A 325 11.23 -17.27 10.17
CA LEU A 325 9.86 -16.86 10.45
C LEU A 325 9.75 -15.54 11.22
N ASP A 326 10.65 -15.33 12.19
CA ASP A 326 10.59 -14.14 13.03
C ASP A 326 11.25 -12.94 12.37
N ARG A 327 11.72 -13.12 11.14
CA ARG A 327 12.39 -12.04 10.42
C ARG A 327 11.65 -11.61 9.16
N VAL A 328 10.74 -12.44 8.65
CA VAL A 328 10.10 -12.08 7.40
C VAL A 328 9.29 -10.78 7.51
N MET A 329 8.82 -10.43 8.70
CA MET A 329 8.05 -9.19 8.87
C MET A 329 8.94 -7.94 9.12
N ASP A 330 10.26 -8.10 9.11
CA ASP A 330 11.16 -6.97 9.27
C ASP A 330 11.35 -6.26 7.95
N TYR A 331 11.28 -4.95 7.93
CA TYR A 331 11.71 -4.22 6.75
C TYR A 331 13.14 -4.61 6.36
N HIS A 332 13.39 -4.71 5.06
CA HIS A 332 14.70 -5.09 4.52
C HIS A 332 15.02 -6.58 4.50
N PHE A 333 14.35 -7.40 5.32
CA PHE A 333 14.70 -8.82 5.31
C PHE A 333 14.22 -9.54 4.04
N THR A 334 15.11 -10.25 3.38
CA THR A 334 14.72 -10.97 2.18
C THR A 334 15.63 -12.18 2.06
N THR A 335 15.12 -13.27 1.47
CA THR A 335 15.96 -14.42 1.14
C THR A 335 16.35 -14.41 -0.35
N ALA A 336 15.93 -13.38 -1.09
CA ALA A 336 16.30 -13.29 -2.51
C ALA A 336 17.78 -12.98 -2.69
N GLY A 365 11.26 -7.78 -4.46
CA GLY A 365 11.76 -6.42 -4.37
C GLY A 365 12.93 -6.26 -3.41
N PHE A 366 12.74 -5.42 -2.39
CA PHE A 366 13.80 -5.09 -1.44
C PHE A 366 13.44 -5.44 0.01
N GLY A 367 12.64 -6.50 0.18
CA GLY A 367 12.24 -6.92 1.50
C GLY A 367 11.22 -6.02 2.19
N PHE A 368 10.38 -5.35 1.41
CA PHE A 368 9.38 -4.43 1.99
C PHE A 368 7.95 -4.99 1.89
N GLY A 369 7.74 -5.96 1.01
CA GLY A 369 6.40 -6.45 0.71
C GLY A 369 5.54 -6.80 1.90
N LEU A 370 6.08 -7.64 2.79
CA LEU A 370 5.31 -8.10 3.93
C LEU A 370 5.08 -7.03 5.00
N PRO A 371 6.16 -6.40 5.50
CA PRO A 371 5.95 -5.41 6.57
C PRO A 371 5.08 -4.24 6.10
N THR A 372 5.27 -3.80 4.86
CA THR A 372 4.46 -2.73 4.31
C THR A 372 2.98 -3.16 4.22
N SER A 373 2.73 -4.34 3.68
CA SER A 373 1.35 -4.86 3.58
C SER A 373 0.69 -4.97 4.94
N ARG A 374 1.40 -5.51 5.92
N ARG A 374 1.41 -5.51 5.91
CA ARG A 374 0.82 -5.62 7.25
CA ARG A 374 0.86 -5.62 7.25
C ARG A 374 0.53 -4.23 7.82
C ARG A 374 0.56 -4.25 7.83
N ALA A 375 1.48 -3.31 7.65
CA ALA A 375 1.28 -1.96 8.18
C ALA A 375 0.05 -1.34 7.54
N TYR A 376 -0.09 -1.49 6.22
CA TYR A 376 -1.25 -0.94 5.54
C TYR A 376 -2.55 -1.57 6.05
N ALA A 377 -2.54 -2.90 6.18
CA ALA A 377 -3.76 -3.61 6.58
C ALA A 377 -4.20 -3.15 7.95
N GLU A 378 -3.24 -3.05 8.89
CA GLU A 378 -3.60 -2.64 10.25
C GLU A 378 -4.03 -1.16 10.32
N TYR A 379 -3.36 -0.31 9.55
CA TYR A 379 -3.74 1.10 9.46
C TYR A 379 -5.22 1.24 9.12
N LEU A 380 -5.69 0.36 8.25
CA LEU A 380 -7.08 0.43 7.78
C LEU A 380 -8.04 -0.38 8.66
N GLY A 381 -7.54 -0.97 9.73
CA GLY A 381 -8.41 -1.64 10.68
C GLY A 381 -8.47 -3.17 10.46
N GLY A 382 -7.61 -3.69 9.62
CA GLY A 382 -7.55 -5.12 9.38
C GLY A 382 -6.26 -5.74 9.88
N SER A 383 -5.78 -6.76 9.18
CA SER A 383 -4.57 -7.43 9.60
C SER A 383 -4.03 -8.30 8.48
N LEU A 384 -2.80 -8.75 8.64
CA LEU A 384 -2.16 -9.67 7.70
C LEU A 384 -1.47 -10.71 8.56
N GLN A 385 -1.90 -11.97 8.43
CA GLN A 385 -1.39 -13.07 9.25
C GLN A 385 -0.85 -14.20 8.37
N LEU A 386 0.22 -14.83 8.83
CA LEU A 386 0.90 -15.87 8.08
C LEU A 386 0.81 -17.17 8.84
N GLN A 387 0.54 -18.25 8.13
CA GLN A 387 0.58 -19.60 8.69
C GLN A 387 1.55 -20.42 7.84
N SER A 388 2.67 -20.81 8.41
CA SER A 388 3.68 -21.57 7.67
C SER A 388 3.58 -23.06 7.98
N LEU A 389 3.47 -23.86 6.93
CA LEU A 389 3.58 -25.30 7.01
C LEU A 389 4.91 -25.70 6.39
N GLN A 390 5.97 -25.65 7.19
CA GLN A 390 7.31 -25.90 6.70
C GLN A 390 7.41 -27.26 6.01
N GLY A 391 7.88 -27.26 4.77
CA GLY A 391 7.99 -28.50 3.99
C GLY A 391 6.83 -28.60 3.00
N ILE A 392 5.79 -27.81 3.20
CA ILE A 392 4.60 -27.89 2.33
C ILE A 392 4.26 -26.56 1.65
N GLY A 393 4.00 -25.52 2.44
CA GLY A 393 3.57 -24.25 1.88
C GLY A 393 3.15 -23.25 2.94
N THR A 394 2.52 -22.16 2.51
CA THR A 394 2.18 -21.05 3.38
C THR A 394 0.76 -20.56 3.07
N ASP A 395 0.00 -20.25 4.12
CA ASP A 395 -1.29 -19.58 3.96
C ASP A 395 -1.15 -18.15 4.47
N VAL A 396 -1.53 -17.19 3.64
CA VAL A 396 -1.47 -15.80 4.04
C VAL A 396 -2.90 -15.26 4.10
N TYR A 397 -3.24 -14.66 5.23
CA TYR A 397 -4.62 -14.21 5.43
C TYR A 397 -4.63 -12.69 5.51
N LEU A 398 -5.24 -12.07 4.51
CA LEU A 398 -5.46 -10.63 4.50
C LEU A 398 -6.89 -10.33 4.95
N ARG A 399 -7.03 -9.53 6.00
CA ARG A 399 -8.34 -9.12 6.45
C ARG A 399 -8.45 -7.60 6.35
N LEU A 400 -9.56 -7.13 5.78
CA LEU A 400 -9.80 -5.68 5.73
C LEU A 400 -11.23 -5.42 6.15
N ARG A 401 -11.42 -4.40 6.98
CA ARG A 401 -12.74 -4.02 7.46
C ARG A 401 -13.59 -3.46 6.34
N HIS A 402 -14.90 -3.72 6.39
CA HIS A 402 -15.82 -3.11 5.45
C HIS A 402 -16.02 -1.63 5.79
N ILE A 403 -16.48 -0.85 4.82
CA ILE A 403 -16.52 0.61 5.00
C ILE A 403 -17.66 1.06 5.92
#